data_8ZLI
#
_entry.id   8ZLI
#
loop_
_entity.id
_entity.type
_entity.pdbx_description
1 polymer Alpha-synuclein
2 non-polymer ~{N},~{N}-dimethyl-4-(6-methyl-1,3-benzothiazol-2-yl)aniline
#
_entity_poly.entity_id   1
_entity_poly.type   'polypeptide(L)'
_entity_poly.pdbx_seq_one_letter_code
;KKGVVHGVATVAEKTKEQVTNVGGAVVTGVTAVAQKTVEGAGSIAAATGFVKKDQ
;
_entity_poly.pdbx_strand_id   A,B,E,I,J,C,D,F,K,L
#
loop_
_chem_comp.id
_chem_comp.type
_chem_comp.name
_chem_comp.formula
A1L13 non-polymer ~{N},~{N}-dimethyl-4-(6-methyl-1,3-benzothiazol-2-yl)aniline 'C16 H16 N2 S'
#
# COMPACT_ATOMS: atom_id res chain seq x y z
N LYS A 1 -9.94 21.19 39.76
CA LYS A 1 -10.95 20.88 38.76
C LYS A 1 -11.84 19.75 39.23
N LYS A 2 -12.96 19.55 38.54
CA LYS A 2 -13.92 18.53 38.91
C LYS A 2 -14.46 17.86 37.66
N GLY A 3 -14.63 16.54 37.72
CA GLY A 3 -15.19 15.80 36.60
C GLY A 3 -15.94 14.58 37.06
N VAL A 4 -17.12 14.35 36.49
CA VAL A 4 -17.90 13.15 36.75
C VAL A 4 -18.34 12.60 35.40
N VAL A 5 -18.02 11.33 35.13
CA VAL A 5 -18.36 10.74 33.85
C VAL A 5 -19.19 9.49 34.10
N HIS A 6 -19.98 9.11 33.10
CA HIS A 6 -20.59 7.78 33.07
C HIS A 6 -19.78 6.82 32.22
N GLY A 7 -18.94 7.32 31.34
CA GLY A 7 -18.23 6.40 30.49
C GLY A 7 -19.01 6.08 29.24
N VAL A 8 -18.30 6.05 28.12
CA VAL A 8 -16.85 6.09 28.11
C VAL A 8 -16.34 7.52 27.80
N ALA A 9 -15.57 8.09 28.71
CA ALA A 9 -14.99 9.40 28.43
C ALA A 9 -13.54 9.25 28.02
N THR A 10 -12.95 10.38 27.63
CA THR A 10 -11.50 10.51 27.47
C THR A 10 -11.16 11.98 27.62
N VAL A 11 -10.69 12.37 28.80
CA VAL A 11 -10.55 13.77 29.14
C VAL A 11 -9.07 14.05 29.33
N ALA A 12 -8.61 15.20 28.85
CA ALA A 12 -7.18 15.42 28.75
C ALA A 12 -6.86 16.90 28.60
N GLU A 13 -5.56 17.17 28.52
CA GLU A 13 -5.03 18.45 28.11
C GLU A 13 -3.69 18.21 27.43
N LYS A 14 -3.35 19.07 26.45
CA LYS A 14 -2.06 19.08 25.75
C LYS A 14 -1.76 17.76 25.07
N THR A 15 -2.76 17.22 24.39
CA THR A 15 -2.77 15.82 24.04
C THR A 15 -2.69 15.58 22.54
N LYS A 16 -1.68 14.83 22.09
CA LYS A 16 -1.50 14.78 20.65
C LYS A 16 -2.54 13.91 19.95
N GLU A 17 -2.90 12.76 20.50
CA GLU A 17 -3.90 11.93 19.82
C GLU A 17 -4.93 11.43 20.81
N GLN A 18 -6.16 11.24 20.33
CA GLN A 18 -7.28 10.77 21.15
C GLN A 18 -8.19 9.90 20.32
N VAL A 19 -8.62 8.79 20.88
CA VAL A 19 -9.60 7.91 20.26
C VAL A 19 -10.57 7.48 21.34
N THR A 20 -11.86 7.56 21.06
CA THR A 20 -12.88 7.00 21.92
C THR A 20 -13.72 6.08 21.09
N ASN A 21 -13.94 4.87 21.56
CA ASN A 21 -14.67 3.92 20.74
C ASN A 21 -15.64 3.17 21.62
N VAL A 22 -16.82 2.91 21.07
CA VAL A 22 -17.76 1.92 21.56
C VAL A 22 -18.28 1.28 20.28
N GLY A 23 -17.97 0.02 20.01
CA GLY A 23 -18.48 -0.54 18.78
C GLY A 23 -17.87 -1.86 18.36
N GLY A 24 -17.42 -1.94 17.11
CA GLY A 24 -17.00 -0.81 16.28
C GLY A 24 -15.51 -0.76 16.05
N ALA A 25 -15.08 0.05 15.08
CA ALA A 25 -13.69 0.09 14.68
C ALA A 25 -13.23 1.52 14.46
N VAL A 26 -11.98 1.78 14.80
CA VAL A 26 -11.33 3.05 14.56
C VAL A 26 -9.92 2.77 14.09
N VAL A 27 -9.54 3.29 12.93
CA VAL A 27 -8.20 3.13 12.41
C VAL A 27 -7.62 4.51 12.19
N THR A 28 -6.58 4.82 12.94
CA THR A 28 -5.97 6.13 12.87
C THR A 28 -4.48 6.03 12.59
N GLY A 29 -3.93 4.83 12.56
CA GLY A 29 -2.50 4.65 12.47
C GLY A 29 -2.03 4.19 11.13
N VAL A 30 -0.75 4.40 10.90
CA VAL A 30 -0.08 4.03 9.67
C VAL A 30 -0.09 2.52 9.52
N THR A 31 -0.41 2.03 8.34
CA THR A 31 -0.59 0.59 8.17
C THR A 31 -0.25 0.23 6.74
N ALA A 32 0.63 -0.74 6.56
CA ALA A 32 1.01 -1.17 5.22
C ALA A 32 0.88 -2.67 5.15
N VAL A 33 0.08 -3.17 4.24
CA VAL A 33 -0.03 -4.59 4.04
C VAL A 33 0.34 -4.88 2.60
N ALA A 34 1.31 -5.73 2.42
CA ALA A 34 1.69 -6.20 1.10
C ALA A 34 1.51 -7.70 1.09
N GLN A 35 0.88 -8.22 0.06
CA GLN A 35 0.43 -9.59 0.14
C GLN A 35 0.37 -10.16 -1.26
N LYS A 36 0.64 -11.46 -1.38
CA LYS A 36 0.82 -12.05 -2.70
C LYS A 36 -0.18 -13.14 -3.02
N THR A 37 -0.65 -13.91 -2.05
CA THR A 37 -1.62 -14.97 -2.34
C THR A 37 -2.32 -15.35 -1.05
N VAL A 38 -3.64 -15.36 -1.07
CA VAL A 38 -4.45 -15.80 0.07
C VAL A 38 -5.36 -16.91 -0.41
N GLU A 39 -5.34 -18.03 0.30
CA GLU A 39 -6.16 -19.17 -0.04
C GLU A 39 -6.77 -19.71 1.23
N GLY A 40 -7.47 -20.83 1.14
CA GLY A 40 -8.00 -21.50 2.30
C GLY A 40 -9.36 -20.96 2.71
N ALA A 41 -10.09 -21.79 3.43
CA ALA A 41 -11.50 -21.50 3.72
C ALA A 41 -11.82 -21.86 5.17
N GLY A 42 -11.70 -20.89 6.08
CA GLY A 42 -11.34 -19.52 5.77
C GLY A 42 -10.38 -18.96 6.78
N SER A 43 -9.28 -18.41 6.29
CA SER A 43 -8.14 -18.05 7.11
C SER A 43 -8.00 -16.54 7.22
N ILE A 44 -7.93 -16.04 8.45
CA ILE A 44 -7.71 -14.62 8.65
C ILE A 44 -6.23 -14.43 8.31
N ALA A 45 -5.97 -13.83 7.16
CA ALA A 45 -4.60 -13.66 6.67
C ALA A 45 -3.80 -12.66 7.51
N ALA A 46 -4.14 -11.38 7.39
CA ALA A 46 -3.41 -10.36 8.13
C ALA A 46 -4.40 -9.46 8.87
N ALA A 47 -4.57 -9.70 10.16
CA ALA A 47 -5.50 -8.92 10.95
C ALA A 47 -4.75 -8.03 11.94
N THR A 48 -5.06 -6.75 11.97
CA THR A 48 -4.37 -5.90 12.92
C THR A 48 -5.19 -5.68 14.19
N GLY A 49 -6.37 -5.10 14.07
CA GLY A 49 -7.25 -4.97 15.21
C GLY A 49 -8.54 -5.68 14.88
N PHE A 50 -8.92 -6.68 15.65
CA PHE A 50 -9.87 -7.62 15.14
C PHE A 50 -10.69 -8.12 16.31
N VAL A 51 -11.97 -8.38 16.05
CA VAL A 51 -12.91 -8.86 17.05
C VAL A 51 -13.98 -9.68 16.34
N LYS A 52 -14.10 -10.95 16.72
CA LYS A 52 -15.10 -11.83 16.11
C LYS A 52 -15.96 -12.49 17.17
N LYS A 53 -17.21 -12.07 17.25
CA LYS A 53 -18.14 -12.64 18.23
C LYS A 53 -19.38 -13.24 17.57
N ASP A 54 -19.17 -14.13 16.62
CA ASP A 54 -20.27 -14.78 15.94
C ASP A 54 -21.10 -15.61 16.91
N GLN A 55 -22.42 -15.62 16.69
CA GLN A 55 -23.33 -16.36 17.55
C GLN A 55 -24.06 -17.45 16.78
N LYS B 1 -8.02 18.16 43.20
CA LYS B 1 -9.00 17.85 42.18
C LYS B 1 -9.88 16.69 42.63
N LYS B 2 -10.98 16.48 41.92
CA LYS B 2 -11.93 15.44 42.27
C LYS B 2 -12.44 14.78 40.99
N GLY B 3 -12.60 13.47 41.03
CA GLY B 3 -13.12 12.73 39.91
C GLY B 3 -13.86 11.48 40.32
N VAL B 4 -15.03 11.24 39.75
CA VAL B 4 -15.79 10.02 39.96
C VAL B 4 -16.20 9.48 38.61
N VAL B 5 -15.86 8.23 38.32
CA VAL B 5 -16.18 7.65 37.02
C VAL B 5 -16.98 6.39 37.25
N HIS B 6 -17.75 6.00 36.23
CA HIS B 6 -18.33 4.66 36.18
C HIS B 6 -17.49 3.73 35.33
N GLY B 7 -16.67 4.26 34.46
CA GLY B 7 -15.92 3.37 33.61
C GLY B 7 -16.68 3.05 32.33
N VAL B 8 -15.95 3.06 31.22
CA VAL B 8 -14.51 3.13 31.24
C VAL B 8 -14.01 4.56 30.96
N ALA B 9 -13.27 5.13 31.88
CA ALA B 9 -12.71 6.46 31.63
C ALA B 9 -11.25 6.35 31.24
N THR B 10 -10.67 7.49 30.87
CA THR B 10 -9.23 7.64 30.73
C THR B 10 -8.91 9.12 30.90
N VAL B 11 -8.46 9.50 32.09
CA VAL B 11 -8.36 10.90 32.47
C VAL B 11 -6.89 11.21 32.68
N ALA B 12 -6.44 12.37 32.22
CA ALA B 12 -5.01 12.62 32.15
C ALA B 12 -4.71 14.09 32.02
N GLU B 13 -3.43 14.40 31.96
CA GLU B 13 -2.91 15.70 31.58
C GLU B 13 -1.56 15.49 30.91
N LYS B 14 -1.23 16.37 29.95
CA LYS B 14 0.08 16.42 29.27
C LYS B 14 0.41 15.11 28.57
N THR B 15 -0.58 14.56 27.87
CA THR B 15 -0.55 13.17 27.49
C THR B 15 -0.44 12.96 26.00
N LYS B 16 0.57 12.24 25.55
CA LYS B 16 0.78 12.21 24.11
C LYS B 16 -0.24 11.34 23.38
N GLU B 17 -0.59 10.17 23.90
CA GLU B 17 -1.55 9.33 23.20
C GLU B 17 -2.59 8.80 24.17
N GLN B 18 -3.81 8.59 23.68
CA GLN B 18 -4.93 8.09 24.47
C GLN B 18 -5.81 7.22 23.61
N VAL B 19 -6.23 6.08 24.16
CA VAL B 19 -7.19 5.20 23.51
C VAL B 19 -8.16 4.73 24.58
N THR B 20 -9.45 4.79 24.28
CA THR B 20 -10.47 4.21 25.12
C THR B 20 -11.29 3.28 24.25
N ASN B 21 -11.49 2.06 24.70
CA ASN B 21 -12.19 1.12 23.85
C ASN B 21 -13.16 0.33 24.72
N VAL B 22 -14.32 0.06 24.15
CA VAL B 22 -15.25 -0.96 24.60
C VAL B 22 -15.74 -1.59 23.32
N GLY B 23 -15.41 -2.84 23.03
CA GLY B 23 -15.89 -3.40 21.78
C GLY B 23 -15.24 -4.68 21.34
N GLY B 24 -14.78 -4.74 20.10
CA GLY B 24 -14.37 -3.59 19.31
C GLY B 24 -12.88 -3.50 19.09
N ALA B 25 -12.45 -2.67 18.14
CA ALA B 25 -11.06 -2.60 17.76
C ALA B 25 -10.63 -1.16 17.56
N VAL B 26 -9.39 -0.89 17.92
CA VAL B 26 -8.77 0.42 17.71
C VAL B 26 -7.33 0.15 17.26
N VAL B 27 -6.96 0.70 16.11
CA VAL B 27 -5.61 0.57 15.60
C VAL B 27 -5.05 1.96 15.42
N THR B 28 -4.02 2.29 16.17
CA THR B 28 -3.44 3.61 16.13
C THR B 28 -1.94 3.54 15.87
N GLY B 29 -1.37 2.35 15.83
CA GLY B 29 0.06 2.20 15.75
C GLY B 29 0.56 1.76 14.40
N VAL B 30 1.85 2.00 14.20
CA VAL B 30 2.53 1.67 12.96
C VAL B 30 2.56 0.16 12.81
N THR B 31 2.24 -0.32 11.62
CA THR B 31 2.10 -1.76 11.41
C THR B 31 2.47 -2.10 9.99
N ALA B 32 3.36 -3.04 9.79
CA ALA B 32 3.77 -3.45 8.47
C ALA B 32 3.68 -4.95 8.37
N VAL B 33 2.89 -5.44 7.44
CA VAL B 33 2.80 -6.87 7.21
C VAL B 33 3.21 -7.12 5.78
N ALA B 34 4.20 -7.96 5.58
CA ALA B 34 4.59 -8.39 4.26
C ALA B 34 4.44 -9.89 4.23
N GLN B 35 3.83 -10.41 3.19
CA GLN B 35 3.41 -11.78 3.24
C GLN B 35 3.38 -12.35 1.83
N LYS B 36 3.67 -13.64 1.69
CA LYS B 36 3.88 -14.20 0.37
C LYS B 36 2.91 -15.30 0.01
N THR B 37 2.44 -16.10 0.97
CA THR B 37 1.49 -17.16 0.66
C THR B 37 0.78 -17.59 1.92
N VAL B 38 -0.54 -17.62 1.90
CA VAL B 38 -1.35 -18.08 3.01
C VAL B 38 -2.23 -19.20 2.51
N GLU B 39 -2.20 -20.34 3.20
CA GLU B 39 -3.01 -21.49 2.82
C GLU B 39 -3.63 -22.05 4.09
N GLY B 40 -4.29 -23.18 3.96
CA GLY B 40 -4.82 -23.88 5.11
C GLY B 40 -6.20 -23.38 5.51
N ALA B 41 -6.93 -24.23 6.21
CA ALA B 41 -8.34 -23.97 6.49
C ALA B 41 -8.68 -24.36 7.93
N GLY B 42 -8.58 -23.40 8.85
CA GLY B 42 -8.24 -22.02 8.56
C GLY B 42 -7.30 -21.46 9.60
N SER B 43 -6.21 -20.88 9.13
CA SER B 43 -5.09 -20.52 9.97
C SER B 43 -4.98 -19.02 10.10
N ILE B 44 -4.93 -18.52 11.33
CA ILE B 44 -4.74 -17.10 11.57
C ILE B 44 -3.26 -16.89 11.25
N ALA B 45 -2.99 -16.25 10.11
CA ALA B 45 -1.63 -16.05 9.65
C ALA B 45 -0.86 -15.06 10.50
N ALA B 46 -1.20 -13.78 10.40
CA ALA B 46 -0.52 -12.75 11.17
C ALA B 46 -1.53 -11.88 11.91
N ALA B 47 -1.71 -12.15 13.20
CA ALA B 47 -2.67 -11.40 13.99
C ALA B 47 -1.94 -10.52 15.00
N THR B 48 -2.27 -9.24 15.05
CA THR B 48 -1.62 -8.38 16.02
C THR B 48 -2.46 -8.21 17.27
N GLY B 49 -3.64 -7.65 17.16
CA GLY B 49 -4.53 -7.55 18.29
C GLY B 49 -5.80 -8.28 17.92
N PHE B 50 -6.19 -9.29 18.68
CA PHE B 50 -7.11 -10.25 18.14
C PHE B 50 -7.94 -10.78 19.28
N VAL B 51 -9.20 -11.07 19.01
CA VAL B 51 -10.15 -11.58 19.99
C VAL B 51 -11.19 -12.40 19.26
N LYS B 52 -11.30 -13.68 19.60
CA LYS B 52 -12.26 -14.57 18.97
C LYS B 52 -13.13 -15.26 20.02
N LYS B 53 -14.40 -14.87 20.08
CA LYS B 53 -15.32 -15.46 21.04
C LYS B 53 -16.53 -16.08 20.37
N ASP B 54 -16.29 -16.95 19.41
CA ASP B 54 -17.38 -17.62 18.69
C ASP B 54 -18.21 -18.46 19.64
N GLN B 55 -19.52 -18.50 19.41
CA GLN B 55 -20.43 -19.28 20.25
C GLN B 55 -21.13 -20.36 19.46
N LYS C 1 -11.83 24.18 36.30
CA LYS C 1 -12.85 23.88 35.32
C LYS C 1 -13.75 22.77 35.82
N LYS C 2 -14.88 22.58 35.14
CA LYS C 2 -15.86 21.58 35.54
C LYS C 2 -16.42 20.91 34.30
N GLY C 3 -16.62 19.60 34.39
CA GLY C 3 -17.21 18.85 33.30
C GLY C 3 -17.97 17.64 33.78
N VAL C 4 -19.17 17.43 33.23
CA VAL C 4 -19.97 16.25 33.51
C VAL C 4 -20.43 15.67 32.18
N VAL C 5 -20.15 14.40 31.94
CA VAL C 5 -20.52 13.80 30.66
C VAL C 5 -21.37 12.57 30.94
N HIS C 6 -22.17 12.18 29.96
CA HIS C 6 -22.80 10.87 29.96
C HIS C 6 -22.02 9.88 29.12
N GLY C 7 -21.18 10.36 28.22
CA GLY C 7 -20.51 9.41 27.38
C GLY C 7 -21.31 9.08 26.13
N VAL C 8 -20.61 9.03 25.00
CA VAL C 8 -19.17 9.04 24.98
C VAL C 8 -18.62 10.45 24.65
N ALA C 9 -17.84 11.02 25.53
CA ALA C 9 -17.24 12.31 25.23
C ALA C 9 -15.79 12.14 24.80
N THR C 10 -15.18 13.24 24.38
CA THR C 10 -13.73 13.34 24.19
C THR C 10 -13.37 14.81 24.32
N VAL C 11 -12.88 15.21 25.48
CA VAL C 11 -12.71 16.61 25.81
C VAL C 11 -11.23 16.87 25.97
N ALA C 12 -10.75 18.00 25.47
CA ALA C 12 -9.31 18.19 25.36
C ALA C 12 -8.96 19.66 25.17
N GLU C 13 -7.67 19.91 25.07
CA GLU C 13 -7.12 21.18 24.63
C GLU C 13 -5.78 20.90 23.93
N LYS C 14 -5.45 21.73 22.94
CA LYS C 14 -4.16 21.72 22.24
C LYS C 14 -3.90 20.37 21.55
N THR C 15 -4.92 19.84 20.91
CA THR C 15 -4.96 18.43 20.57
C THR C 15 -4.89 18.17 19.09
N LYS C 16 -3.92 17.40 18.63
CA LYS C 16 -3.74 17.32 17.18
C LYS C 16 -4.81 16.46 16.51
N GLU C 17 -5.19 15.33 17.08
CA GLU C 17 -6.21 14.51 16.43
C GLU C 17 -7.24 14.04 17.45
N GLN C 18 -8.48 13.86 16.98
CA GLN C 18 -9.59 13.43 17.82
C GLN C 18 -10.53 12.56 17.01
N VAL C 19 -10.97 11.46 17.60
CA VAL C 19 -11.98 10.59 17.01
C VAL C 19 -12.94 10.20 18.12
N THR C 20 -14.23 10.29 17.85
CA THR C 20 -15.26 9.78 18.73
C THR C 20 -16.12 8.86 17.92
N ASN C 21 -16.35 7.66 18.41
CA ASN C 21 -17.12 6.72 17.61
C ASN C 21 -18.09 6.00 18.52
N VAL C 22 -19.28 5.75 18.00
CA VAL C 22 -20.23 4.77 18.50
C VAL C 22 -20.77 4.13 17.25
N GLY C 23 -20.49 2.86 17.00
CA GLY C 23 -21.03 2.28 15.78
C GLY C 23 -20.44 0.96 15.36
N GLY C 24 -20.02 0.85 14.11
CA GLY C 24 -19.59 1.94 13.27
C GLY C 24 -18.09 1.97 13.01
N ALA C 25 -17.67 2.76 12.03
CA ALA C 25 -16.29 2.77 11.61
C ALA C 25 -15.81 4.19 11.36
N VAL C 26 -14.54 4.43 11.68
CA VAL C 26 -13.88 5.69 11.41
C VAL C 26 -12.48 5.36 10.93
N VAL C 27 -12.10 5.87 9.76
CA VAL C 27 -10.77 5.67 9.21
C VAL C 27 -10.17 7.03 8.98
N THR C 28 -9.11 7.34 9.69
CA THR C 28 -8.48 8.63 9.60
C THR C 28 -7.00 8.49 9.31
N GLY C 29 -6.47 7.29 9.29
CA GLY C 29 -5.04 7.09 9.18
C GLY C 29 -4.60 6.59 7.83
N VAL C 30 -3.31 6.77 7.60
CA VAL C 30 -2.67 6.37 6.35
C VAL C 30 -2.71 4.86 6.24
N THR C 31 -3.06 4.36 5.07
CA THR C 31 -3.27 2.93 4.92
C THR C 31 -2.94 2.53 3.49
N ALA C 32 -2.10 1.54 3.31
CA ALA C 32 -1.73 1.08 1.99
C ALA C 32 -1.88 -0.41 1.94
N VAL C 33 -2.71 -0.91 1.05
CA VAL C 33 -2.86 -2.34 0.87
C VAL C 33 -2.50 -2.65 -0.56
N ALA C 34 -1.54 -3.53 -0.75
CA ALA C 34 -1.20 -4.02 -2.07
C ALA C 34 -1.41 -5.51 -2.05
N GLN C 35 -2.06 -6.05 -3.07
CA GLN C 35 -2.53 -7.40 -2.96
C GLN C 35 -2.63 -8.00 -4.34
N LYS C 36 -2.39 -9.30 -4.45
CA LYS C 36 -2.22 -9.92 -5.75
C LYS C 36 -3.25 -11.00 -6.05
N THR C 37 -3.73 -11.73 -5.06
CA THR C 37 -4.71 -12.78 -5.31
C THR C 37 -5.41 -13.13 -4.02
N VAL C 38 -6.73 -13.12 -4.02
CA VAL C 38 -7.53 -13.52 -2.86
C VAL C 38 -8.46 -14.62 -3.31
N GLU C 39 -8.45 -15.73 -2.59
CA GLU C 39 -9.31 -16.87 -2.90
C GLU C 39 -9.91 -17.37 -1.61
N GLY C 40 -10.63 -18.48 -1.68
CA GLY C 40 -11.15 -19.11 -0.50
C GLY C 40 -12.50 -18.55 -0.08
N ALA C 41 -13.25 -19.35 0.67
CA ALA C 41 -14.64 -19.03 0.96
C ALA C 41 -14.95 -19.36 2.42
N GLY C 42 -14.80 -18.38 3.31
CA GLY C 42 -14.41 -17.02 2.98
C GLY C 42 -13.43 -16.46 3.97
N SER C 43 -12.33 -15.94 3.46
CA SER C 43 -11.17 -15.59 4.26
C SER C 43 -11.01 -14.08 4.34
N ILE C 44 -10.90 -13.56 5.55
CA ILE C 44 -10.65 -12.14 5.73
C ILE C 44 -9.18 -11.99 5.38
N ALA C 45 -8.92 -11.41 4.21
CA ALA C 45 -7.56 -11.28 3.70
C ALA C 45 -6.73 -10.27 4.51
N ALA C 46 -7.04 -8.99 4.38
CA ALA C 46 -6.29 -7.97 5.09
C ALA C 46 -7.25 -7.04 5.82
N ALA C 47 -7.41 -7.26 7.12
CA ALA C 47 -8.31 -6.45 7.92
C ALA C 47 -7.54 -5.57 8.89
N THR C 48 -7.81 -4.28 8.90
CA THR C 48 -7.11 -3.41 9.82
C THR C 48 -7.90 -3.17 11.10
N GLY C 49 -9.07 -2.57 10.99
CA GLY C 49 -9.93 -2.41 12.14
C GLY C 49 -11.23 -3.10 11.83
N PHE C 50 -11.63 -4.07 12.63
CA PHE C 50 -12.60 -5.01 12.14
C PHE C 50 -13.42 -5.47 13.33
N VAL C 51 -14.71 -5.71 13.09
CA VAL C 51 -15.64 -6.16 14.12
C VAL C 51 -16.74 -6.97 13.43
N LYS C 52 -16.87 -8.23 13.82
CA LYS C 52 -17.89 -9.10 13.24
C LYS C 52 -18.76 -9.72 14.32
N LYS C 53 -20.00 -9.29 14.41
CA LYS C 53 -20.92 -9.81 15.42
C LYS C 53 -22.18 -10.40 14.79
N ASP C 54 -22.00 -11.32 13.85
CA ASP C 54 -23.12 -11.96 13.18
C ASP C 54 -23.96 -12.75 14.18
N GLN C 55 -25.27 -12.74 13.98
CA GLN C 55 -26.19 -13.45 14.86
C GLN C 55 -26.95 -14.54 14.12
N LYS D 1 -15.68 30.21 29.26
CA LYS D 1 -16.74 29.91 28.32
C LYS D 1 -17.67 28.84 28.88
N LYS D 2 -18.82 28.67 28.25
CA LYS D 2 -19.82 27.72 28.70
C LYS D 2 -20.43 27.03 27.50
N GLY D 3 -20.68 25.73 27.65
CA GLY D 3 -21.32 24.96 26.60
C GLY D 3 -22.11 23.80 27.13
N VAL D 4 -23.33 23.61 26.63
CA VAL D 4 -24.15 22.47 26.97
C VAL D 4 -24.68 21.86 25.68
N VAL D 5 -24.44 20.58 25.47
CA VAL D 5 -24.87 19.95 24.23
C VAL D 5 -25.75 18.76 24.57
N HIS D 6 -26.60 18.36 23.62
CA HIS D 6 -27.26 17.07 23.68
C HIS D 6 -26.55 16.03 22.86
N GLY D 7 -25.72 16.44 21.93
CA GLY D 7 -25.09 15.44 21.10
C GLY D 7 -25.93 15.10 19.89
N VAL D 8 -25.27 14.98 18.74
CA VAL D 8 -23.82 14.95 18.69
C VAL D 8 -23.26 16.32 18.28
N ALA D 9 -22.42 16.90 19.13
CA ALA D 9 -21.78 18.15 18.76
C ALA D 9 -20.36 17.91 18.30
N THR D 10 -19.72 18.99 17.83
CA THR D 10 -18.28 19.02 17.60
C THR D 10 -17.87 20.48 17.67
N VAL D 11 -17.32 20.90 18.80
CA VAL D 11 -17.10 22.31 19.07
C VAL D 11 -15.60 22.52 19.19
N ALA D 12 -15.10 23.62 18.64
CA ALA D 12 -13.66 23.75 18.48
C ALA D 12 -13.28 25.19 18.23
N GLU D 13 -11.97 25.40 18.09
CA GLU D 13 -11.39 26.63 17.59
C GLU D 13 -10.08 26.28 16.87
N LYS D 14 -9.75 27.07 15.84
CA LYS D 14 -8.48 26.97 15.10
C LYS D 14 -8.29 25.61 14.47
N THR D 15 -9.34 25.09 13.86
CA THR D 15 -9.44 23.67 13.58
C THR D 15 -9.43 23.36 12.10
N LYS D 16 -8.48 22.54 11.65
CA LYS D 16 -8.35 22.40 10.20
C LYS D 16 -9.47 21.55 9.59
N GLU D 17 -9.87 20.46 10.21
CA GLU D 17 -10.93 19.65 9.61
C GLU D 17 -11.95 19.26 10.68
N GLN D 18 -13.20 19.10 10.26
CA GLN D 18 -14.31 18.74 11.13
C GLN D 18 -15.30 17.88 10.38
N VAL D 19 -15.77 16.82 11.02
CA VAL D 19 -16.81 15.97 10.48
C VAL D 19 -17.76 15.64 11.62
N THR D 20 -19.05 15.79 11.38
CA THR D 20 -20.07 15.33 12.31
C THR D 20 -21.00 14.41 11.56
N ASN D 21 -21.25 13.24 12.10
CA ASN D 21 -22.07 12.30 11.35
C ASN D 21 -23.04 11.64 12.31
N VAL D 22 -24.24 11.42 11.82
CA VAL D 22 -25.21 10.50 12.39
C VAL D 22 -25.81 9.83 11.18
N GLY D 23 -25.59 8.54 10.97
CA GLY D 23 -26.17 7.94 9.78
C GLY D 23 -25.64 6.57 9.40
N GLY D 24 -25.26 6.40 8.14
CA GLY D 24 -24.81 7.47 7.25
C GLY D 24 -23.33 7.43 6.96
N ALA D 25 -22.90 8.17 5.93
CA ALA D 25 -21.52 8.11 5.47
C ALA D 25 -21.01 9.51 5.16
N VAL D 26 -19.73 9.71 5.44
CA VAL D 26 -19.02 10.94 5.11
C VAL D 26 -17.65 10.55 4.61
N VAL D 27 -17.30 10.99 3.40
CA VAL D 27 -15.98 10.73 2.84
C VAL D 27 -15.34 12.07 2.53
N THR D 28 -14.25 12.36 3.21
CA THR D 28 -13.58 13.63 3.06
C THR D 28 -12.11 13.44 2.73
N GLY D 29 -11.63 12.20 2.74
CA GLY D 29 -10.22 11.95 2.61
C GLY D 29 -9.83 11.39 1.26
N VAL D 30 -8.54 11.52 0.99
CA VAL D 30 -7.94 11.05 -0.25
C VAL D 30 -8.04 9.54 -0.31
N THR D 31 -8.44 9.00 -1.46
CA THR D 31 -8.69 7.57 -1.55
C THR D 31 -8.44 7.12 -2.97
N ALA D 32 -7.61 6.10 -3.14
CA ALA D 32 -7.30 5.58 -4.45
C ALA D 32 -7.52 4.09 -4.44
N VAL D 33 -8.37 3.60 -5.29
CA VAL D 33 -8.58 2.17 -5.42
C VAL D 33 -8.27 1.79 -6.84
N ALA D 34 -7.35 0.87 -7.03
CA ALA D 34 -7.06 0.33 -8.34
C ALA D 34 -7.31 -1.16 -8.26
N GLN D 35 -8.02 -1.70 -9.23
CA GLN D 35 -8.53 -3.04 -9.06
C GLN D 35 -8.68 -3.67 -10.42
N LYS D 36 -8.48 -4.99 -10.49
CA LYS D 36 -8.38 -5.66 -11.78
C LYS D 36 -9.45 -6.71 -12.02
N THR D 37 -9.92 -7.40 -10.98
CA THR D 37 -10.95 -8.41 -11.17
C THR D 37 -11.62 -8.69 -9.85
N VAL D 38 -12.95 -8.64 -9.81
CA VAL D 38 -13.73 -8.97 -8.62
C VAL D 38 -14.71 -10.05 -9.01
N GLU D 39 -14.72 -11.13 -8.25
CA GLU D 39 -15.62 -12.24 -8.50
C GLU D 39 -16.20 -12.68 -7.17
N GLY D 40 -16.96 -13.76 -7.19
CA GLY D 40 -17.47 -14.35 -5.97
C GLY D 40 -18.79 -13.72 -5.54
N ALA D 41 -19.54 -14.46 -4.74
CA ALA D 41 -20.92 -14.08 -4.42
C ALA D 41 -21.20 -14.36 -2.94
N GLY D 42 -20.98 -13.35 -2.09
CA GLY D 42 -20.56 -12.02 -2.49
C GLY D 42 -19.54 -11.46 -1.54
N SER D 43 -18.44 -11.00 -2.09
CA SER D 43 -17.24 -10.66 -1.34
C SER D 43 -17.02 -9.16 -1.31
N ILE D 44 -16.87 -8.60 -0.13
CA ILE D 44 -16.57 -7.19 0.00
C ILE D 44 -15.10 -7.09 -0.40
N ALA D 45 -14.86 -6.56 -1.59
CA ALA D 45 -13.50 -6.49 -2.14
C ALA D 45 -12.62 -5.50 -1.40
N ALA D 46 -12.88 -4.21 -1.56
CA ALA D 46 -12.08 -3.18 -0.90
C ALA D 46 -12.99 -2.20 -0.19
N ALA D 47 -13.12 -2.37 1.12
CA ALA D 47 -13.98 -1.50 1.91
C ALA D 47 -13.15 -0.61 2.83
N THR D 48 -13.38 0.69 2.80
CA THR D 48 -12.62 1.56 3.68
C THR D 48 -13.36 1.86 4.96
N GLY D 49 -14.52 2.50 4.86
CA GLY D 49 -15.35 2.74 6.03
C GLY D 49 -16.68 2.09 5.77
N PHE D 50 -17.09 1.16 6.61
CA PHE D 50 -18.10 0.24 6.19
C PHE D 50 -18.91 -0.15 7.41
N VAL D 51 -20.20 -0.36 7.22
CA VAL D 51 -21.12 -0.74 8.28
C VAL D 51 -22.26 -1.53 7.66
N LYS D 52 -22.43 -2.77 8.09
CA LYS D 52 -23.49 -3.62 7.57
C LYS D 52 -24.34 -4.18 8.70
N LYS D 53 -25.58 -3.70 8.80
CA LYS D 53 -26.49 -4.15 9.85
C LYS D 53 -27.78 -4.72 9.27
N ASP D 54 -27.65 -5.68 8.37
CA ASP D 54 -28.81 -6.30 7.75
C ASP D 54 -29.66 -7.03 8.80
N GLN D 55 -30.97 -6.98 8.63
CA GLN D 55 -31.89 -7.63 9.56
C GLN D 55 -32.71 -8.71 8.88
N LYS E 1 -13.82 27.29 32.75
CA LYS E 1 -14.87 26.98 31.79
C LYS E 1 -15.79 25.89 32.32
N LYS E 2 -16.92 25.71 31.66
CA LYS E 2 -17.92 24.74 32.10
C LYS E 2 -18.50 24.05 30.88
N GLY E 3 -18.73 22.74 30.99
CA GLY E 3 -19.34 21.99 29.92
C GLY E 3 -20.11 20.80 30.44
N VAL E 4 -21.32 20.60 29.91
CA VAL E 4 -22.13 19.44 30.22
C VAL E 4 -22.63 18.84 28.92
N VAL E 5 -22.37 17.56 28.69
CA VAL E 5 -22.75 16.94 27.43
C VAL E 5 -23.62 15.73 27.75
N HIS E 6 -24.45 15.34 26.79
CA HIS E 6 -25.10 14.03 26.82
C HIS E 6 -24.34 13.01 26.00
N GLY E 7 -23.52 13.45 25.07
CA GLY E 7 -22.86 12.48 24.24
C GLY E 7 -23.68 12.15 23.01
N VAL E 8 -23.00 12.06 21.87
CA VAL E 8 -21.55 12.05 21.83
C VAL E 8 -21.00 13.43 21.46
N ALA E 9 -20.19 14.02 22.32
CA ALA E 9 -19.58 15.28 21.99
C ALA E 9 -18.14 15.09 21.54
N THR E 10 -17.52 16.17 21.09
CA THR E 10 -16.06 16.24 20.89
C THR E 10 -15.68 17.71 20.98
N VAL E 11 -15.16 18.11 22.13
CA VAL E 11 -14.97 19.52 22.43
C VAL E 11 -13.48 19.77 22.57
N ALA E 12 -12.99 20.88 22.04
CA ALA E 12 -11.55 21.04 21.89
C ALA E 12 -11.18 22.49 21.67
N GLU E 13 -9.88 22.72 21.55
CA GLU E 13 -9.31 23.97 21.09
C GLU E 13 -8.00 23.66 20.38
N LYS E 14 -7.66 24.47 19.36
CA LYS E 14 -6.38 24.42 18.64
C LYS E 14 -6.16 23.06 17.99
N THR E 15 -7.20 22.53 17.36
CA THR E 15 -7.27 21.12 17.06
C THR E 15 -7.22 20.82 15.57
N LYS E 16 -6.26 20.03 15.13
CA LYS E 16 -6.11 19.92 13.68
C LYS E 16 -7.20 19.07 13.03
N GLU E 17 -7.60 17.94 13.63
CA GLU E 17 -8.62 17.13 13.01
C GLU E 17 -9.65 16.70 14.05
N GLN E 18 -10.90 16.53 13.61
CA GLN E 18 -12.01 16.12 14.47
C GLN E 18 -12.97 15.27 13.69
N VAL E 19 -13.43 14.19 14.30
CA VAL E 19 -14.46 13.32 13.74
C VAL E 19 -15.40 12.97 14.87
N THR E 20 -16.70 13.08 14.61
CA THR E 20 -17.72 12.59 15.53
C THR E 20 -18.61 11.67 14.74
N ASN E 21 -18.86 10.49 15.26
CA ASN E 21 -19.64 9.55 14.49
C ASN E 21 -20.61 8.86 15.43
N VAL E 22 -21.81 8.62 14.92
CA VAL E 22 -22.77 7.67 15.45
C VAL E 22 -23.35 7.01 14.23
N GLY E 23 -23.09 5.73 14.00
CA GLY E 23 -23.65 5.14 12.79
C GLY E 23 -23.09 3.80 12.40
N GLY E 24 -22.68 3.64 11.14
CA GLY E 24 -22.24 4.73 10.28
C GLY E 24 -20.76 4.73 9.99
N ALA E 25 -20.33 5.49 8.99
CA ALA E 25 -18.95 5.46 8.56
C ALA E 25 -18.46 6.87 8.27
N VAL E 26 -17.19 7.09 8.56
CA VAL E 26 -16.49 8.34 8.26
C VAL E 26 -15.11 7.98 7.78
N VAL E 27 -14.74 8.45 6.59
CA VAL E 27 -13.43 8.22 6.03
C VAL E 27 -12.81 9.57 5.75
N THR E 28 -11.73 9.88 6.45
CA THR E 28 -11.07 11.16 6.32
C THR E 28 -9.60 10.99 6.02
N GLY E 29 -9.09 9.78 6.02
CA GLY E 29 -7.68 9.55 5.89
C GLY E 29 -7.26 9.02 4.55
N VAL E 30 -5.97 9.17 4.30
CA VAL E 30 -5.36 8.74 3.05
C VAL E 30 -5.41 7.23 2.98
N THR E 31 -5.79 6.71 1.82
CA THR E 31 -6.02 5.27 1.70
C THR E 31 -5.73 4.84 0.28
N ALA E 32 -4.89 3.83 0.11
CA ALA E 32 -4.56 3.35 -1.22
C ALA E 32 -4.74 1.86 -1.23
N VAL E 33 -5.58 1.36 -2.11
CA VAL E 33 -5.76 -0.07 -2.26
C VAL E 33 -5.42 -0.41 -3.68
N ALA E 34 -4.49 -1.32 -3.87
CA ALA E 34 -4.16 -1.84 -5.18
C ALA E 34 -4.39 -3.33 -5.13
N GLN E 35 -5.07 -3.87 -6.12
CA GLN E 35 -5.56 -5.22 -5.97
C GLN E 35 -5.67 -5.84 -7.35
N LYS E 36 -5.45 -7.14 -7.44
CA LYS E 36 -5.32 -7.79 -8.73
C LYS E 36 -6.37 -8.86 -8.99
N THR E 37 -6.85 -9.57 -7.98
CA THR E 37 -7.85 -10.61 -8.20
C THR E 37 -8.54 -10.91 -6.90
N VAL E 38 -9.86 -10.89 -6.87
CA VAL E 38 -10.65 -11.24 -5.70
C VAL E 38 -11.61 -12.34 -6.11
N GLU E 39 -11.61 -13.44 -5.37
CA GLU E 39 -12.48 -14.57 -5.65
C GLU E 39 -13.08 -15.03 -4.33
N GLY E 40 -13.81 -16.13 -4.38
CA GLY E 40 -14.33 -16.73 -3.17
C GLY E 40 -15.66 -16.14 -2.75
N ALA E 41 -16.41 -16.92 -1.98
CA ALA E 41 -17.79 -16.57 -1.67
C ALA E 41 -18.09 -16.86 -0.19
N GLY E 42 -17.90 -15.87 0.67
CA GLY E 42 -17.51 -14.53 0.30
C GLY E 42 -16.50 -13.96 1.27
N SER E 43 -15.41 -13.46 0.73
CA SER E 43 -14.24 -13.12 1.51
C SER E 43 -14.04 -11.61 1.56
N ILE E 44 -13.91 -11.07 2.77
CA ILE E 44 -13.63 -9.65 2.91
C ILE E 44 -12.17 -9.53 2.53
N ALA E 45 -11.91 -8.98 1.35
CA ALA E 45 -10.55 -8.87 0.82
C ALA E 45 -9.70 -7.87 1.60
N ALA E 46 -9.99 -6.59 1.45
CA ALA E 46 -9.21 -5.56 2.13
C ALA E 46 -10.15 -4.61 2.85
N ALA E 47 -10.30 -4.80 4.17
CA ALA E 47 -11.17 -3.96 4.95
C ALA E 47 -10.37 -3.07 5.89
N THR E 48 -10.63 -1.77 5.87
CA THR E 48 -9.90 -0.90 6.78
C THR E 48 -10.67 -0.62 8.05
N GLY E 49 -11.83 -0.01 7.95
CA GLY E 49 -12.68 0.19 9.11
C GLY E 49 -13.99 -0.48 8.83
N PHE E 50 -14.40 -1.43 9.65
CA PHE E 50 -15.39 -2.36 9.20
C PHE E 50 -16.20 -2.78 10.40
N VAL E 51 -17.49 -3.02 10.19
CA VAL E 51 -18.41 -3.42 11.23
C VAL E 51 -19.53 -4.23 10.59
N LYS E 52 -19.69 -5.47 11.00
CA LYS E 52 -20.73 -6.34 10.45
C LYS E 52 -21.58 -6.93 11.55
N LYS E 53 -22.83 -6.48 11.65
CA LYS E 53 -23.74 -6.96 12.67
C LYS E 53 -25.01 -7.54 12.08
N ASP E 54 -24.86 -8.48 11.15
CA ASP E 54 -26.00 -9.13 10.52
C ASP E 54 -26.84 -9.88 11.54
N GLN E 55 -28.15 -9.85 11.35
CA GLN E 55 -29.07 -10.53 12.26
C GLN E 55 -29.85 -11.62 11.55
N LYS F 1 21.47 -30.53 -26.12
CA LYS F 1 21.19 -29.19 -26.63
C LYS F 1 22.47 -28.36 -26.67
N LYS F 2 22.41 -27.23 -27.35
CA LYS F 2 23.56 -26.36 -27.51
C LYS F 2 23.11 -24.91 -27.40
N GLY F 3 23.92 -24.09 -26.73
CA GLY F 3 23.65 -22.69 -26.61
C GLY F 3 24.90 -21.86 -26.48
N VAL F 4 24.97 -20.76 -27.21
CA VAL F 4 26.07 -19.80 -27.10
C VAL F 4 25.48 -18.42 -26.97
N VAL F 5 25.84 -17.68 -25.93
CA VAL F 5 25.27 -16.37 -25.72
C VAL F 5 26.41 -15.36 -25.61
N HIS F 6 26.10 -14.10 -25.90
CA HIS F 6 26.98 -13.00 -25.55
C HIS F 6 26.58 -12.35 -24.24
N GLY F 7 25.35 -12.53 -23.82
CA GLY F 7 24.95 -11.84 -22.62
C GLY F 7 24.40 -10.46 -22.91
N VAL F 8 23.30 -10.12 -22.24
CA VAL F 8 22.80 -10.92 -21.14
C VAL F 8 21.62 -11.82 -21.58
N ALA F 9 21.77 -13.11 -21.42
CA ALA F 9 20.66 -14.00 -21.75
C ALA F 9 19.93 -14.43 -20.49
N THR F 10 18.83 -15.15 -20.68
CA THR F 10 18.15 -15.89 -19.61
C THR F 10 17.38 -17.01 -20.28
N VAL F 11 17.92 -18.21 -20.26
CA VAL F 11 17.40 -19.31 -21.04
C VAL F 11 16.90 -20.38 -20.08
N ALA F 12 15.77 -20.99 -20.39
CA ALA F 12 15.10 -21.81 -19.39
C ALA F 12 14.08 -22.73 -20.03
N GLU F 13 13.44 -23.52 -19.19
CA GLU F 13 12.26 -24.29 -19.53
C GLU F 13 11.42 -24.44 -18.27
N LYS F 14 10.09 -24.49 -18.45
CA LYS F 14 9.11 -24.76 -17.38
C LYS F 14 9.19 -23.72 -16.26
N THR F 15 9.28 -22.46 -16.65
CA THR F 15 9.76 -21.42 -15.77
C THR F 15 8.69 -20.41 -15.41
N LYS F 16 8.41 -20.22 -14.12
CA LYS F 16 7.26 -19.40 -13.81
C LYS F 16 7.52 -17.91 -14.03
N GLU F 17 8.68 -17.39 -13.66
CA GLU F 17 8.93 -15.96 -13.86
C GLU F 17 10.31 -15.75 -14.45
N GLN F 18 10.46 -14.68 -15.25
CA GLN F 18 11.71 -14.33 -15.90
C GLN F 18 11.83 -12.84 -16.00
N VAL F 19 13.01 -12.32 -15.70
CA VAL F 19 13.32 -10.90 -15.86
C VAL F 19 14.71 -10.82 -16.46
N THR F 20 14.88 -10.01 -17.49
CA THR F 20 16.19 -9.69 -18.02
C THR F 20 16.30 -8.18 -18.04
N ASN F 21 17.39 -7.66 -17.50
CA ASN F 21 17.50 -6.22 -17.42
C ASN F 21 18.91 -5.82 -17.79
N VAL F 22 19.02 -4.72 -18.50
CA VAL F 22 20.24 -3.94 -18.66
C VAL F 22 19.77 -2.50 -18.56
N GLY F 23 20.12 -1.78 -17.51
CA GLY F 23 19.63 -0.41 -17.45
C GLY F 23 19.80 0.29 -16.11
N GLY F 24 18.73 0.87 -15.61
CA GLY F 24 17.36 0.52 -15.89
C GLY F 24 16.65 -0.16 -14.75
N ALA F 25 15.33 -0.26 -14.83
CA ALA F 25 14.52 -0.76 -13.72
C ALA F 25 13.44 -1.68 -14.23
N VAL F 26 13.15 -2.70 -13.44
CA VAL F 26 12.06 -3.65 -13.70
C VAL F 26 11.39 -3.93 -12.38
N VAL F 27 10.08 -3.71 -12.30
CA VAL F 27 9.31 -3.99 -11.11
C VAL F 27 8.21 -4.97 -11.49
N THR F 28 8.27 -6.16 -10.93
CA THR F 28 7.32 -7.19 -11.25
C THR F 28 6.67 -7.75 -10.00
N GLY F 29 7.10 -7.33 -8.83
CA GLY F 29 6.65 -7.93 -7.60
C GLY F 29 5.70 -7.07 -6.82
N VAL F 30 4.99 -7.74 -5.92
CA VAL F 30 4.00 -7.10 -5.07
C VAL F 30 4.70 -6.14 -4.12
N THR F 31 4.16 -4.95 -3.97
CA THR F 31 4.84 -3.92 -3.20
C THR F 31 3.82 -2.99 -2.58
N ALA F 32 3.90 -2.79 -1.28
CA ALA F 32 2.97 -1.92 -0.59
C ALA F 32 3.77 -0.94 0.24
N VAL F 33 3.59 0.34 0.01
CA VAL F 33 4.23 1.35 0.81
C VAL F 33 3.14 2.20 1.42
N ALA F 34 3.14 2.31 2.73
CA ALA F 34 2.24 3.20 3.42
C ALA F 34 3.09 4.16 4.20
N GLN F 35 2.78 5.44 4.12
CA GLN F 35 3.73 6.41 4.62
C GLN F 35 2.97 7.65 5.05
N LYS F 36 3.47 8.33 6.07
CA LYS F 36 2.71 9.39 6.71
C LYS F 36 3.37 10.75 6.63
N THR F 37 4.70 10.84 6.65
CA THR F 37 5.35 12.13 6.57
C THR F 37 6.79 11.93 6.14
N VAL F 38 7.23 12.65 5.11
CA VAL F 38 8.61 12.61 4.65
C VAL F 38 9.13 14.03 4.67
N GLU F 39 10.27 14.23 5.31
CA GLU F 39 10.89 15.54 5.40
C GLU F 39 12.38 15.38 5.13
N GLY F 40 13.13 16.45 5.30
CA GLY F 40 14.57 16.39 5.18
C GLY F 40 15.05 16.54 3.76
N ALA F 41 16.30 16.96 3.62
CA ALA F 41 16.83 17.36 2.32
C ALA F 41 18.27 16.84 2.15
N GLY F 42 18.42 15.65 1.58
CA GLY F 42 17.31 14.85 1.05
C GLY F 42 17.49 13.40 1.35
N SER F 43 16.45 12.80 1.91
CA SER F 43 16.51 11.48 2.51
C SER F 43 15.74 10.48 1.67
N ILE F 44 16.40 9.38 1.31
CA ILE F 44 15.72 8.32 0.58
C ILE F 44 14.87 7.63 1.66
N ALA F 45 13.56 7.86 1.59
CA ALA F 45 12.65 7.35 2.60
C ALA F 45 12.50 5.83 2.53
N ALA F 46 11.83 5.34 1.49
CA ALA F 46 11.62 3.91 1.36
C ALA F 46 12.03 3.45 -0.03
N ALA F 47 13.23 2.88 -0.14
CA ALA F 47 13.73 2.42 -1.42
C ALA F 47 13.78 0.91 -1.47
N THR F 48 13.22 0.31 -2.50
CA THR F 48 13.27 -1.15 -2.59
C THR F 48 14.41 -1.62 -3.48
N GLY F 49 14.41 -1.26 -4.74
CA GLY F 49 15.51 -1.57 -5.61
C GLY F 49 16.06 -0.29 -6.15
N PHE F 50 17.32 0.02 -5.91
CA PHE F 50 17.73 1.39 -6.02
C PHE F 50 19.18 1.38 -6.46
N VAL F 51 19.55 2.36 -7.27
CA VAL F 51 20.90 2.51 -7.80
C VAL F 51 21.15 3.99 -8.07
N LYS F 52 22.15 4.55 -7.41
CA LYS F 52 22.47 5.97 -7.60
C LYS F 52 23.94 6.14 -7.95
N LYS F 53 24.20 6.52 -9.20
CA LYS F 53 25.57 6.72 -9.67
C LYS F 53 25.79 8.13 -10.20
N ASP F 54 25.47 9.12 -9.40
CA ASP F 54 25.64 10.51 -9.79
C ASP F 54 27.12 10.82 -10.03
N GLN F 55 27.39 11.66 -11.02
CA GLN F 55 28.76 12.03 -11.36
C GLN F 55 28.98 13.53 -11.19
N LYS G 1 25.13 -31.94 -23.06
CA LYS G 1 24.84 -30.61 -23.55
C LYS G 1 26.09 -29.75 -23.56
N LYS G 2 26.02 -28.60 -24.23
CA LYS G 2 27.15 -27.72 -24.36
C LYS G 2 26.69 -26.28 -24.23
N GLY G 3 27.48 -25.46 -23.54
CA GLY G 3 27.17 -24.06 -23.40
C GLY G 3 28.40 -23.20 -23.23
N VAL G 4 28.47 -22.10 -23.95
CA VAL G 4 29.55 -21.12 -23.81
C VAL G 4 28.92 -19.75 -23.68
N VAL G 5 29.26 -19.03 -22.61
CA VAL G 5 28.66 -17.72 -22.38
C VAL G 5 29.78 -16.71 -22.25
N HIS G 6 29.45 -15.45 -22.52
CA HIS G 6 30.31 -14.33 -22.14
C HIS G 6 29.88 -13.71 -20.83
N GLY G 7 28.65 -13.91 -20.43
CA GLY G 7 28.22 -13.26 -19.23
C GLY G 7 27.64 -11.88 -19.50
N VAL G 8 26.54 -11.58 -18.84
CA VAL G 8 26.04 -12.40 -17.75
C VAL G 8 24.89 -13.31 -18.23
N ALA G 9 25.05 -14.61 -18.08
CA ALA G 9 23.97 -15.51 -18.44
C ALA G 9 23.23 -15.97 -17.19
N THR G 10 22.14 -16.71 -17.42
CA THR G 10 21.47 -17.47 -16.36
C THR G 10 20.72 -18.60 -17.06
N VAL G 11 21.28 -19.79 -17.05
CA VAL G 11 20.79 -20.89 -17.86
C VAL G 11 20.30 -21.97 -16.93
N ALA G 12 19.18 -22.60 -17.26
CA ALA G 12 18.52 -23.45 -16.28
C ALA G 12 17.52 -24.38 -16.95
N GLU G 13 16.89 -25.19 -16.13
CA GLU G 13 15.72 -25.99 -16.49
C GLU G 13 14.86 -26.16 -15.24
N LYS G 14 13.54 -26.24 -15.44
CA LYS G 14 12.55 -26.55 -14.38
C LYS G 14 12.60 -25.53 -13.26
N THR G 15 12.67 -24.26 -13.63
CA THR G 15 13.12 -23.22 -12.71
C THR G 15 12.04 -22.23 -12.36
N LYS G 16 11.73 -22.08 -11.08
CA LYS G 16 10.56 -21.27 -10.76
C LYS G 16 10.80 -19.78 -10.96
N GLU G 17 11.94 -19.24 -10.56
CA GLU G 17 12.18 -17.82 -10.73
C GLU G 17 13.56 -17.56 -11.31
N GLN G 18 13.69 -16.49 -12.08
CA GLN G 18 14.94 -16.10 -12.72
C GLN G 18 15.04 -14.60 -12.79
N VAL G 19 16.20 -14.06 -12.47
CA VAL G 19 16.49 -12.64 -12.61
C VAL G 19 17.89 -12.52 -13.17
N THR G 20 18.06 -11.69 -14.19
CA THR G 20 19.37 -11.34 -14.71
C THR G 20 19.46 -9.83 -14.70
N ASN G 21 20.52 -9.30 -14.14
CA ASN G 21 20.60 -7.86 -14.04
C ASN G 21 22.02 -7.44 -14.38
N VAL G 22 22.11 -6.30 -15.07
CA VAL G 22 23.31 -5.50 -15.20
C VAL G 22 22.82 -4.09 -15.08
N GLY G 23 23.15 -3.37 -14.02
CA GLY G 23 22.63 -2.01 -13.94
C GLY G 23 22.77 -1.33 -12.60
N GLY G 24 21.68 -0.77 -12.09
CA GLY G 24 20.31 -1.15 -12.40
C GLY G 24 19.60 -1.86 -11.28
N ALA G 25 18.29 -1.97 -11.37
CA ALA G 25 17.48 -2.51 -10.29
C ALA G 25 16.42 -3.44 -10.83
N VAL G 26 16.14 -4.48 -10.06
CA VAL G 26 15.07 -5.44 -10.35
C VAL G 26 14.38 -5.77 -9.04
N VAL G 27 13.08 -5.56 -8.98
CA VAL G 27 12.30 -5.88 -7.79
C VAL G 27 11.23 -6.86 -8.20
N THR G 28 11.30 -8.07 -7.67
CA THR G 28 10.37 -9.11 -8.02
C THR G 28 9.71 -9.71 -6.79
N GLY G 29 10.12 -9.30 -5.60
CA GLY G 29 9.67 -9.92 -4.38
C GLY G 29 8.69 -9.09 -3.60
N VAL G 30 7.98 -9.77 -2.72
CA VAL G 30 6.98 -9.18 -1.87
C VAL G 30 7.64 -8.22 -0.90
N THR G 31 7.08 -7.03 -0.73
CA THR G 31 7.74 -6.01 0.06
C THR G 31 6.68 -5.12 0.68
N ALA G 32 6.74 -4.93 1.98
CA ALA G 32 5.80 -4.09 2.67
C ALA G 32 6.56 -3.11 3.53
N VAL G 33 6.36 -1.83 3.32
CA VAL G 33 6.97 -0.82 4.13
C VAL G 33 5.86 0.01 4.75
N ALA G 34 5.84 0.09 6.05
CA ALA G 34 4.91 0.95 6.75
C ALA G 34 5.73 1.92 7.57
N GLN G 35 5.40 3.18 7.51
CA GLN G 35 6.32 4.17 8.02
C GLN G 35 5.54 5.39 8.46
N LYS G 36 6.02 6.06 9.51
CA LYS G 36 5.23 7.10 10.15
C LYS G 36 5.86 8.48 10.09
N THR G 37 7.18 8.58 10.13
CA THR G 37 7.83 9.89 10.08
C THR G 37 9.27 9.73 9.66
N VAL G 38 9.71 10.46 8.66
CA VAL G 38 11.09 10.46 8.21
C VAL G 38 11.59 11.88 8.26
N GLU G 39 12.72 12.10 8.92
CA GLU G 39 13.32 13.42 9.04
C GLU G 39 14.81 13.28 8.79
N GLY G 40 15.53 14.37 8.97
CA GLY G 40 16.98 14.33 8.88
C GLY G 40 17.47 14.52 7.46
N ALA G 41 18.72 14.97 7.36
CA ALA G 41 19.26 15.39 6.06
C ALA G 41 20.69 14.90 5.91
N GLY G 42 20.87 13.72 5.31
CA GLY G 42 19.80 12.92 4.76
C GLY G 42 19.99 11.45 5.04
N SER G 43 18.96 10.84 5.57
CA SER G 43 19.04 9.51 6.15
C SER G 43 18.30 8.50 5.29
N ILE G 44 18.98 7.42 4.92
CA ILE G 44 18.33 6.36 4.17
C ILE G 44 17.49 5.65 5.21
N ALA G 45 16.18 5.85 5.15
CA ALA G 45 15.25 5.30 6.13
C ALA G 45 15.13 3.79 6.03
N ALA G 46 14.48 3.30 4.98
CA ALA G 46 14.30 1.86 4.82
C ALA G 46 14.74 1.44 3.42
N ALA G 47 15.94 0.89 3.33
CA ALA G 47 16.48 0.46 2.05
C ALA G 47 16.56 -1.05 1.98
N THR G 48 16.02 -1.64 0.92
CA THR G 48 16.09 -3.09 0.81
C THR G 48 17.26 -3.53 -0.06
N GLY G 49 17.25 -3.15 -1.32
CA GLY G 49 18.39 -3.44 -2.19
C GLY G 49 18.91 -2.12 -2.70
N PHE G 50 20.16 -1.81 -2.44
CA PHE G 50 20.56 -0.43 -2.52
C PHE G 50 22.01 -0.41 -2.94
N VAL G 51 22.37 0.60 -3.73
CA VAL G 51 23.72 0.78 -4.24
C VAL G 51 23.94 2.27 -4.48
N LYS G 52 24.93 2.84 -3.81
CA LYS G 52 25.22 4.26 -3.95
C LYS G 52 26.70 4.47 -4.30
N LYS G 53 26.96 4.87 -5.53
CA LYS G 53 28.33 5.10 -5.98
C LYS G 53 28.54 6.53 -6.49
N ASP G 54 28.18 7.51 -5.67
CA ASP G 54 28.34 8.90 -6.04
C ASP G 54 29.81 9.24 -6.25
N GLN G 55 30.08 10.10 -7.23
CA GLN G 55 31.44 10.50 -7.54
C GLN G 55 31.64 12.00 -7.35
N LYS H 1 17.81 -29.11 -29.13
CA LYS H 1 17.55 -27.77 -29.65
C LYS H 1 18.83 -26.97 -29.71
N LYS H 2 18.78 -25.84 -30.42
CA LYS H 2 19.95 -25.00 -30.60
C LYS H 2 19.54 -23.54 -30.52
N GLY H 3 20.37 -22.73 -29.87
CA GLY H 3 20.12 -21.32 -29.77
C GLY H 3 21.39 -20.51 -29.66
N VAL H 4 21.48 -19.41 -30.41
CA VAL H 4 22.59 -18.48 -30.34
C VAL H 4 22.02 -17.08 -30.22
N VAL H 5 22.41 -16.35 -29.19
CA VAL H 5 21.87 -15.01 -28.99
C VAL H 5 23.02 -14.03 -28.92
N HIS H 6 22.74 -12.76 -29.22
CA HIS H 6 23.65 -11.68 -28.90
C HIS H 6 23.27 -11.00 -27.59
N GLY H 7 22.04 -11.14 -27.16
CA GLY H 7 21.67 -10.43 -25.96
C GLY H 7 21.14 -9.05 -26.28
N VAL H 8 20.06 -8.68 -25.59
CA VAL H 8 19.55 -9.45 -24.47
C VAL H 8 18.36 -10.32 -24.89
N ALA H 9 18.48 -11.63 -24.70
CA ALA H 9 17.36 -12.50 -25.01
C ALA H 9 16.63 -12.89 -23.73
N THR H 10 15.52 -13.60 -23.91
CA THR H 10 14.84 -14.30 -22.81
C THR H 10 14.04 -15.42 -23.44
N VAL H 11 14.55 -16.64 -23.41
CA VAL H 11 14.01 -17.74 -24.18
C VAL H 11 13.50 -18.77 -23.19
N ALA H 12 12.34 -19.37 -23.47
CA ALA H 12 11.68 -20.16 -22.46
C ALA H 12 10.63 -21.07 -23.08
N GLU H 13 9.99 -21.85 -22.20
CA GLU H 13 8.79 -22.59 -22.51
C GLU H 13 7.96 -22.70 -21.25
N LYS H 14 6.63 -22.74 -21.40
CA LYS H 14 5.66 -22.97 -20.32
C LYS H 14 5.77 -21.92 -19.23
N THR H 15 5.88 -20.66 -19.64
CA THR H 15 6.39 -19.62 -18.77
C THR H 15 5.34 -18.58 -18.42
N LYS H 16 5.09 -18.37 -17.14
CA LYS H 16 3.95 -17.51 -16.82
C LYS H 16 4.25 -16.03 -17.06
N GLU H 17 5.42 -15.53 -16.71
CA GLU H 17 5.69 -14.12 -16.94
C GLU H 17 7.07 -13.94 -17.55
N GLN H 18 7.22 -12.89 -18.37
CA GLN H 18 8.47 -12.58 -19.04
C GLN H 18 8.62 -11.08 -19.17
N VAL H 19 9.80 -10.58 -18.89
CA VAL H 19 10.15 -9.17 -19.09
C VAL H 19 11.54 -9.12 -19.69
N THR H 20 11.70 -8.33 -20.74
CA THR H 20 13.01 -8.03 -21.30
C THR H 20 13.16 -6.54 -21.34
N ASN H 21 14.26 -6.04 -20.82
CA ASN H 21 14.40 -4.59 -20.76
C ASN H 21 15.81 -4.23 -21.16
N VAL H 22 15.92 -3.13 -21.89
CA VAL H 22 17.16 -2.38 -22.08
C VAL H 22 16.71 -0.94 -21.99
N GLY H 23 17.10 -0.20 -20.96
CA GLY H 23 16.64 1.17 -20.91
C GLY H 23 16.83 1.88 -19.61
N GLY H 24 15.78 2.50 -19.08
CA GLY H 24 14.39 2.16 -19.35
C GLY H 24 13.68 1.52 -18.18
N ALA H 25 12.36 1.45 -18.24
CA ALA H 25 11.56 0.99 -17.12
C ALA H 25 10.45 0.07 -17.60
N VAL H 26 10.16 -0.94 -16.79
CA VAL H 26 9.05 -1.85 -17.02
C VAL H 26 8.39 -2.11 -15.69
N VAL H 27 7.09 -1.86 -15.59
CA VAL H 27 6.32 -2.12 -14.38
C VAL H 27 5.21 -3.07 -14.74
N THR H 28 5.25 -4.26 -14.16
CA THR H 28 4.27 -5.27 -14.46
C THR H 28 3.63 -5.80 -13.19
N GLY H 29 4.09 -5.37 -12.03
CA GLY H 29 3.64 -5.94 -10.79
C GLY H 29 2.72 -5.04 -10.01
N VAL H 30 2.00 -5.69 -9.09
CA VAL H 30 1.04 -5.02 -8.23
C VAL H 30 1.77 -4.06 -7.31
N THR H 31 1.25 -2.86 -7.17
CA THR H 31 1.96 -1.83 -6.44
C THR H 31 0.97 -0.87 -5.81
N ALA H 32 1.07 -0.65 -4.51
CA ALA H 32 0.17 0.25 -3.83
C ALA H 32 0.99 1.23 -3.02
N VAL H 33 0.82 2.50 -3.28
CA VAL H 33 1.50 3.52 -2.50
C VAL H 33 0.43 4.40 -1.89
N ALA H 34 0.44 4.52 -0.59
CA ALA H 34 -0.43 5.44 0.11
C ALA H 34 0.45 6.40 0.87
N GLN H 35 0.17 7.68 0.77
CA GLN H 35 1.13 8.65 1.23
C GLN H 35 0.40 9.90 1.66
N LYS H 36 0.94 10.59 2.65
CA LYS H 36 0.20 11.67 3.29
C LYS H 36 0.88 13.02 3.17
N THR H 37 2.21 13.08 3.17
CA THR H 37 2.90 14.37 3.07
C THR H 37 4.32 14.13 2.63
N VAL H 38 4.76 14.82 1.58
CA VAL H 38 6.13 14.75 1.10
C VAL H 38 6.68 16.16 1.09
N GLU H 39 7.84 16.35 1.72
CA GLU H 39 8.48 17.64 1.78
C GLU H 39 9.95 17.45 1.49
N GLY H 40 10.73 18.52 1.63
CA GLY H 40 12.17 18.43 1.51
C GLY H 40 12.64 18.55 0.07
N ALA H 41 13.89 18.94 -0.08
CA ALA H 41 14.42 19.30 -1.40
C ALA H 41 15.84 18.75 -1.58
N GLY H 42 15.95 17.55 -2.14
CA GLY H 42 14.83 16.77 -2.65
C GLY H 42 14.97 15.31 -2.32
N SER H 43 13.94 14.75 -1.73
CA SER H 43 13.99 13.44 -1.12
C SER H 43 13.19 12.43 -1.93
N ILE H 44 13.81 11.32 -2.28
CA ILE H 44 13.11 10.26 -2.99
C ILE H 44 12.27 9.62 -1.89
N ALA H 45 10.96 9.86 -1.93
CA ALA H 45 10.04 9.39 -0.91
C ALA H 45 9.86 7.87 -0.95
N ALA H 46 9.18 7.37 -1.97
CA ALA H 46 8.93 5.94 -2.09
C ALA H 46 9.33 5.46 -3.48
N ALA H 47 10.51 4.86 -3.59
CA ALA H 47 11.00 4.38 -4.86
C ALA H 47 11.01 2.86 -4.89
N THR H 48 10.42 2.26 -5.90
CA THR H 48 10.45 0.80 -5.97
C THR H 48 11.56 0.29 -6.86
N GLY H 49 11.54 0.63 -8.13
CA GLY H 49 12.65 0.28 -9.01
C GLY H 49 13.20 1.55 -9.58
N PHE H 50 14.47 1.83 -9.35
CA PHE H 50 14.92 3.19 -9.49
C PHE H 50 16.36 3.14 -9.96
N VAL H 51 16.73 4.11 -10.79
CA VAL H 51 18.07 4.23 -11.33
C VAL H 51 18.33 5.69 -11.63
N LYS H 52 19.37 6.25 -11.00
CA LYS H 52 19.71 7.65 -11.19
C LYS H 52 21.18 7.80 -11.59
N LYS H 53 21.42 8.15 -12.84
CA LYS H 53 22.79 8.32 -13.32
C LYS H 53 23.03 9.71 -13.89
N ASP H 54 22.74 10.73 -13.09
CA ASP H 54 22.94 12.11 -13.51
C ASP H 54 24.41 12.38 -13.78
N GLN H 55 24.69 13.20 -14.78
CA GLN H 55 26.06 13.54 -15.14
C GLN H 55 26.32 15.04 -14.99
N LYS I 1 10.39 -26.16 -35.20
CA LYS I 1 10.18 -24.83 -35.76
C LYS I 1 11.49 -24.08 -35.88
N LYS I 2 11.47 -22.98 -36.62
CA LYS I 2 12.67 -22.19 -36.86
C LYS I 2 12.31 -20.71 -36.80
N GLY I 3 13.19 -19.91 -36.20
CA GLY I 3 13.00 -18.49 -36.13
C GLY I 3 14.31 -17.73 -36.08
N VAL I 4 14.42 -16.67 -36.88
CA VAL I 4 15.57 -15.78 -36.85
C VAL I 4 15.06 -14.36 -36.76
N VAL I 5 15.50 -13.60 -35.76
CA VAL I 5 15.02 -12.25 -35.59
C VAL I 5 16.22 -11.31 -35.58
N HIS I 6 15.97 -10.04 -35.90
CA HIS I 6 16.93 -8.98 -35.64
C HIS I 6 16.62 -8.25 -34.36
N GLY I 7 15.40 -8.34 -33.88
CA GLY I 7 15.09 -7.58 -32.70
C GLY I 7 14.61 -6.18 -33.04
N VAL I 8 13.55 -5.75 -32.34
CA VAL I 8 13.05 -6.46 -31.18
C VAL I 8 11.81 -7.30 -31.54
N ALA I 9 11.89 -8.60 -31.33
CA ALA I 9 10.71 -9.44 -31.58
C ALA I 9 10.01 -9.76 -30.27
N THR I 10 8.86 -10.43 -30.40
CA THR I 10 8.19 -11.07 -29.27
C THR I 10 7.32 -12.17 -29.85
N VAL I 11 7.80 -13.41 -29.79
CA VAL I 11 7.18 -14.51 -30.51
C VAL I 11 6.66 -15.49 -29.48
N ALA I 12 5.48 -16.05 -29.71
CA ALA I 12 4.80 -16.78 -28.66
C ALA I 12 3.71 -17.66 -29.22
N GLU I 13 3.06 -18.38 -28.31
CA GLU I 13 1.82 -19.10 -28.57
C GLU I 13 1.02 -19.13 -27.28
N LYS I 14 -0.32 -19.12 -27.41
CA LYS I 14 -1.27 -19.28 -26.29
C LYS I 14 -1.09 -18.20 -25.24
N THR I 15 -0.93 -16.96 -25.68
CA THR I 15 -0.37 -15.92 -24.86
C THR I 15 -1.35 -14.82 -24.51
N LYS I 16 -1.57 -14.56 -23.23
CA LYS I 16 -2.66 -13.65 -22.92
C LYS I 16 -2.32 -12.20 -23.21
N GLU I 17 -1.11 -11.73 -22.91
CA GLU I 17 -0.80 -10.34 -23.18
C GLU I 17 0.58 -10.24 -23.83
N GLN I 18 0.75 -9.22 -24.68
CA GLN I 18 1.99 -8.98 -25.39
C GLN I 18 2.20 -7.48 -25.57
N VAL I 19 3.41 -7.02 -25.34
CA VAL I 19 3.81 -5.64 -25.58
C VAL I 19 5.18 -5.67 -26.22
N THR I 20 5.35 -4.92 -27.30
CA THR I 20 6.65 -4.69 -27.89
C THR I 20 6.86 -3.20 -27.98
N ASN I 21 7.99 -2.74 -27.51
CA ASN I 21 8.19 -1.30 -27.50
C ASN I 21 9.60 -1.01 -27.94
N VAL I 22 9.75 0.07 -28.70
CA VAL I 22 11.00 0.77 -28.95
C VAL I 22 10.62 2.22 -28.89
N GLY I 23 11.06 2.97 -27.89
CA GLY I 23 10.66 4.37 -27.88
C GLY I 23 10.91 5.11 -26.59
N GLY I 24 9.90 5.79 -26.06
CA GLY I 24 8.49 5.50 -26.28
C GLY I 24 7.79 4.92 -25.08
N ALA I 25 6.46 4.90 -25.11
CA ALA I 25 5.68 4.50 -23.96
C ALA I 25 4.52 3.61 -24.38
N VAL I 26 4.20 2.64 -23.53
CA VAL I 26 3.05 1.77 -23.71
C VAL I 26 2.42 1.57 -22.35
N VAL I 27 1.13 1.88 -22.24
CA VAL I 27 0.39 1.70 -21.00
C VAL I 27 -0.77 0.78 -21.29
N THR I 28 -0.76 -0.39 -20.69
CA THR I 28 -1.79 -1.38 -20.92
C THR I 28 -2.42 -1.84 -19.63
N GLY I 29 -1.92 -1.40 -18.50
CA GLY I 29 -2.35 -1.91 -17.22
C GLY I 29 -3.22 -0.96 -16.45
N VAL I 30 -3.93 -1.54 -15.50
CA VAL I 30 -4.85 -0.82 -14.64
C VAL I 30 -4.05 0.14 -13.77
N THR I 31 -4.52 1.37 -13.65
CA THR I 31 -3.75 2.39 -12.96
C THR I 31 -4.70 3.40 -12.34
N ALA I 32 -4.54 3.66 -11.05
CA ALA I 32 -5.39 4.61 -10.37
C ALA I 32 -4.52 5.57 -9.62
N VAL I 33 -4.64 6.85 -9.91
CA VAL I 33 -3.90 7.86 -9.17
C VAL I 33 -4.91 8.80 -8.57
N ALA I 34 -4.86 8.97 -7.26
CA ALA I 34 -5.68 9.93 -6.58
C ALA I 34 -4.74 10.88 -5.87
N GLN I 35 -4.98 12.17 -5.99
CA GLN I 35 -3.96 13.10 -5.59
C GLN I 35 -4.63 14.40 -5.18
N LYS I 36 -4.05 15.10 -4.21
CA LYS I 36 -4.72 16.23 -3.60
C LYS I 36 -3.98 17.54 -3.77
N THR I 37 -2.66 17.55 -3.81
CA THR I 37 -1.92 18.79 -3.97
C THR I 37 -0.52 18.49 -4.43
N VAL I 38 -0.08 19.13 -5.51
CA VAL I 38 1.27 18.99 -6.02
C VAL I 38 1.88 20.38 -6.09
N GLU I 39 3.05 20.54 -5.50
CA GLU I 39 3.75 21.81 -5.49
C GLU I 39 5.21 21.54 -5.79
N GLY I 40 6.03 22.58 -5.72
CA GLY I 40 7.46 22.43 -5.87
C GLY I 40 7.90 22.49 -7.33
N ALA I 41 9.17 22.83 -7.52
CA ALA I 41 9.67 23.13 -8.86
C ALA I 41 11.06 22.52 -9.05
N GLY I 42 11.11 21.30 -9.59
CA GLY I 42 9.95 20.55 -10.04
C GLY I 42 10.05 19.09 -9.67
N SER I 43 9.00 18.60 -9.05
CA SER I 43 9.02 17.30 -8.39
C SER I 43 8.15 16.30 -9.15
N ILE I 44 8.73 15.15 -9.49
CA ILE I 44 7.96 14.11 -10.14
C ILE I 44 7.11 13.53 -9.01
N ALA I 45 5.82 13.83 -9.03
CA ALA I 45 4.91 13.41 -7.97
C ALA I 45 4.67 11.91 -7.96
N ALA I 46 3.93 11.41 -8.95
CA ALA I 46 3.63 9.98 -9.01
C ALA I 46 3.97 9.45 -10.40
N ALA I 47 5.13 8.80 -10.52
CA ALA I 47 5.56 8.26 -11.79
C ALA I 47 5.52 6.74 -11.77
N THR I 48 4.88 6.13 -12.76
CA THR I 48 4.84 4.68 -12.78
C THR I 48 5.92 4.10 -13.68
N GLY I 49 5.88 4.40 -14.97
CA GLY I 49 6.94 3.98 -15.86
C GLY I 49 7.53 5.22 -16.48
N PHE I 50 8.81 5.44 -16.29
CA PHE I 50 9.31 6.79 -16.48
C PHE I 50 10.73 6.66 -16.98
N VAL I 51 11.13 7.59 -17.85
CA VAL I 51 12.45 7.63 -18.43
C VAL I 51 12.77 9.08 -18.77
N LYS I 52 13.84 9.62 -18.18
CA LYS I 52 14.23 10.99 -18.44
C LYS I 52 15.70 11.07 -18.86
N LYS I 53 15.93 11.37 -20.13
CA LYS I 53 17.28 11.47 -20.66
C LYS I 53 17.57 12.83 -21.27
N ASP I 54 17.33 13.89 -20.49
CA ASP I 54 17.58 15.25 -20.96
C ASP I 54 19.06 15.45 -21.26
N GLN I 55 19.34 16.23 -22.30
CA GLN I 55 20.71 16.50 -22.70
C GLN I 55 21.03 17.98 -22.61
N LYS J 1 14.05 -27.62 -32.28
CA LYS J 1 13.81 -26.29 -32.82
C LYS J 1 15.12 -25.52 -32.91
N LYS J 2 15.08 -24.40 -33.63
CA LYS J 2 16.26 -23.58 -33.84
C LYS J 2 15.89 -22.12 -33.76
N GLY J 3 16.75 -21.32 -33.14
CA GLY J 3 16.53 -19.90 -33.05
C GLY J 3 17.81 -19.11 -32.98
N VAL J 4 17.91 -18.03 -33.74
CA VAL J 4 19.06 -17.13 -33.69
C VAL J 4 18.51 -15.72 -33.59
N VAL J 5 18.93 -14.97 -32.57
CA VAL J 5 18.42 -13.63 -32.38
C VAL J 5 19.61 -12.67 -32.34
N HIS J 6 19.34 -11.41 -32.65
CA HIS J 6 20.27 -10.33 -32.36
C HIS J 6 19.94 -9.63 -31.06
N GLY J 7 18.70 -9.74 -30.61
CA GLY J 7 18.36 -9.01 -29.42
C GLY J 7 17.86 -7.61 -29.74
N VAL J 8 16.80 -7.22 -29.04
CA VAL J 8 16.30 -7.95 -27.90
C VAL J 8 15.08 -8.81 -28.29
N ALA J 9 15.16 -10.11 -28.10
CA ALA J 9 14.02 -10.96 -28.37
C ALA J 9 13.31 -11.33 -27.09
N THR J 10 12.17 -12.01 -27.23
CA THR J 10 11.50 -12.68 -26.12
C THR J 10 10.66 -13.79 -26.73
N VAL J 11 11.16 -15.01 -26.69
CA VAL J 11 10.57 -16.12 -27.44
C VAL J 11 10.06 -17.12 -26.43
N ALA J 12 8.88 -17.69 -26.68
CA ALA J 12 8.21 -18.46 -25.65
C ALA J 12 7.14 -19.36 -26.25
N GLU J 13 6.49 -20.10 -25.36
CA GLU J 13 5.27 -20.83 -25.64
C GLU J 13 4.46 -20.91 -24.36
N LYS J 14 3.12 -20.91 -24.50
CA LYS J 14 2.16 -21.11 -23.40
C LYS J 14 2.31 -20.04 -22.33
N THR J 15 2.44 -18.80 -22.75
CA THR J 15 2.98 -17.77 -21.90
C THR J 15 1.97 -16.70 -21.55
N LYS J 16 1.74 -16.45 -20.27
CA LYS J 16 0.62 -15.57 -19.95
C LYS J 16 0.94 -14.11 -20.22
N GLU J 17 2.13 -13.62 -19.88
CA GLU J 17 2.43 -12.21 -20.14
C GLU J 17 3.80 -12.08 -20.77
N GLN J 18 3.97 -11.04 -21.59
CA GLN J 18 5.22 -10.76 -22.29
C GLN J 18 5.39 -9.27 -22.44
N VAL J 19 6.60 -8.80 -22.19
CA VAL J 19 6.97 -7.40 -22.40
C VAL J 19 8.35 -7.39 -23.03
N THR J 20 8.52 -6.62 -24.09
CA THR J 20 9.82 -6.36 -24.67
C THR J 20 10.01 -4.87 -24.73
N ASN J 21 11.12 -4.38 -24.23
CA ASN J 21 11.29 -2.94 -24.19
C ASN J 21 12.71 -2.61 -24.61
N VAL J 22 12.84 -1.53 -25.36
CA VAL J 22 14.08 -0.81 -25.57
C VAL J 22 13.68 0.64 -25.50
N GLY J 23 14.09 1.38 -24.49
CA GLY J 23 13.66 2.77 -24.44
C GLY J 23 13.89 3.50 -23.14
N GLY J 24 12.86 4.15 -22.62
CA GLY J 24 11.46 3.83 -22.86
C GLY J 24 10.75 3.22 -21.69
N ALA J 25 9.42 3.19 -21.72
CA ALA J 25 8.64 2.75 -20.58
C ALA J 25 7.50 1.84 -21.05
N VAL J 26 7.19 0.86 -20.22
CA VAL J 26 6.06 -0.03 -20.43
C VAL J 26 5.41 -0.26 -19.08
N VAL J 27 4.12 0.02 -18.97
CA VAL J 27 3.36 -0.20 -17.74
C VAL J 27 2.22 -1.14 -18.07
N THR J 28 2.25 -2.32 -17.48
CA THR J 28 1.24 -3.32 -17.75
C THR J 28 0.60 -3.81 -16.47
N GLY J 29 1.09 -3.38 -15.32
CA GLY J 29 0.65 -3.92 -14.06
C GLY J 29 -0.25 -3.00 -13.29
N VAL J 30 -0.96 -3.61 -12.35
CA VAL J 30 -1.90 -2.91 -11.49
C VAL J 30 -1.14 -1.96 -10.59
N THR J 31 -1.62 -0.74 -10.46
CA THR J 31 -0.88 0.29 -9.74
C THR J 31 -1.85 1.26 -9.12
N ALA J 32 -1.73 1.50 -7.83
CA ALA J 32 -2.60 2.43 -7.14
C ALA J 32 -1.75 3.40 -6.35
N VAL J 33 -1.89 4.68 -6.63
CA VAL J 33 -1.17 5.68 -5.87
C VAL J 33 -2.21 6.60 -5.26
N ALA J 34 -2.19 6.74 -3.96
CA ALA J 34 -3.03 7.68 -3.26
C ALA J 34 -2.12 8.63 -2.53
N GLN J 35 -2.38 9.92 -2.64
CA GLN J 35 -1.39 10.87 -2.20
C GLN J 35 -2.07 12.15 -1.78
N LYS J 36 -1.52 12.84 -0.79
CA LYS J 36 -2.22 13.95 -0.18
C LYS J 36 -1.50 15.28 -0.31
N THR J 37 -0.18 15.30 -0.33
CA THR J 37 0.54 16.57 -0.46
C THR J 37 1.95 16.30 -0.92
N VAL J 38 2.39 16.97 -1.98
CA VAL J 38 3.75 16.86 -2.47
C VAL J 38 4.34 18.26 -2.51
N GLU J 39 5.50 18.43 -1.90
CA GLU J 39 6.17 19.71 -1.87
C GLU J 39 7.64 19.48 -2.16
N GLY J 40 8.44 20.53 -2.05
CA GLY J 40 9.87 20.41 -2.20
C GLY J 40 10.32 20.50 -3.64
N ALA J 41 11.59 20.86 -3.82
CA ALA J 41 12.10 21.19 -5.14
C ALA J 41 13.50 20.61 -5.32
N GLY J 42 13.58 19.40 -5.88
CA GLY J 42 12.44 18.64 -6.36
C GLY J 42 12.55 17.19 -6.02
N SER J 43 11.52 16.65 -5.41
CA SER J 43 11.55 15.34 -4.78
C SER J 43 10.72 14.35 -5.56
N ILE J 44 11.31 13.22 -5.92
CA ILE J 44 10.58 12.16 -6.59
C ILE J 44 9.73 11.55 -5.48
N ALA J 45 8.43 11.83 -5.52
CA ALA J 45 7.52 11.38 -4.46
C ALA J 45 7.30 9.87 -4.48
N ALA J 46 6.59 9.37 -5.49
CA ALA J 46 6.32 7.94 -5.59
C ALA J 46 6.67 7.44 -6.97
N ALA J 47 7.84 6.82 -7.09
CA ALA J 47 8.29 6.30 -8.37
C ALA J 47 8.28 4.79 -8.37
N THR J 48 7.67 4.19 -9.38
CA THR J 48 7.66 2.72 -9.42
C THR J 48 8.76 2.18 -10.32
N GLY J 49 8.72 2.50 -11.60
CA GLY J 49 9.81 2.12 -12.48
C GLY J 49 10.38 3.37 -13.08
N PHE J 50 11.66 3.62 -12.87
CA PHE J 50 12.14 4.97 -13.04
C PHE J 50 13.57 4.89 -13.52
N VAL J 51 13.96 5.84 -14.37
CA VAL J 51 15.29 5.91 -14.93
C VAL J 51 15.59 7.37 -15.24
N LYS J 52 16.63 7.91 -14.63
CA LYS J 52 17.00 9.31 -14.86
C LYS J 52 18.47 9.41 -15.27
N LYS J 53 18.71 9.75 -16.53
CA LYS J 53 20.07 9.87 -17.04
C LYS J 53 20.34 11.25 -17.62
N ASP J 54 20.07 12.29 -16.83
CA ASP J 54 20.30 13.66 -17.27
C ASP J 54 21.78 13.90 -17.56
N GLN J 55 22.06 14.69 -18.58
CA GLN J 55 23.43 15.00 -18.96
C GLN J 55 23.72 16.49 -18.84
C01 A1L13 K . -27.95 0.40 20.04
C02 A1L13 K . -27.06 0.76 19.04
C03 A1L13 K . -25.83 1.38 19.32
C04 A1L13 K . -25.51 1.65 20.64
C05 A1L13 K . -26.40 1.28 21.61
C06 A1L13 K . -27.64 0.65 21.33
N07 A1L13 K . -26.06 1.54 22.87
C08 A1L13 K . -24.93 2.13 23.07
S09 A1L13 K . -24.17 2.36 21.53
C10 A1L13 K . -24.52 2.40 24.36
C11 A1L13 K . -23.30 3.02 24.42
C12 A1L13 K . -22.76 3.38 25.63
C13 A1L13 K . -23.47 3.15 26.78
C14 A1L13 K . -24.72 2.51 26.74
C15 A1L13 K . -25.25 2.14 25.51
N16 A1L13 K . -22.79 3.54 27.99
C17 A1L13 K . -21.73 4.51 27.81
C18 A1L13 K . -23.12 3.04 29.32
C19 A1L13 K . -27.43 0.46 17.62
C01 A1L13 L . -25.82 -2.18 22.96
C02 A1L13 L . -24.92 -1.80 21.97
C03 A1L13 L . -23.68 -1.21 22.25
C04 A1L13 L . -23.35 -1.00 23.59
C05 A1L13 L . -24.24 -1.37 24.55
C06 A1L13 L . -25.49 -1.96 24.26
N07 A1L13 L . -23.88 -1.15 25.82
C08 A1L13 L . -22.73 -0.60 26.03
S09 A1L13 L . -21.99 -0.33 24.48
C10 A1L13 L . -22.31 -0.37 27.32
C11 A1L13 L . -21.08 0.22 27.38
C12 A1L13 L . -20.53 0.54 28.60
C13 A1L13 L . -21.23 0.28 29.75
C14 A1L13 L . -22.49 -0.32 29.70
C15 A1L13 L . -23.04 -0.64 28.46
N16 A1L13 L . -20.54 0.63 30.97
C17 A1L13 L . -19.46 1.58 30.80
C18 A1L13 L . -20.86 0.10 32.29
C19 A1L13 L . -25.32 -2.05 20.53
C01 A1L13 M . -30.37 3.53 16.90
C02 A1L13 M . -29.47 3.89 15.91
C03 A1L13 M . -28.24 4.51 16.18
C04 A1L13 M . -27.91 4.74 17.52
C05 A1L13 M . -28.80 4.37 18.48
C06 A1L13 M . -30.05 3.76 18.20
N07 A1L13 M . -28.46 4.62 19.75
C08 A1L13 M . -27.32 5.19 19.96
S09 A1L13 M . -26.57 5.43 18.41
C10 A1L13 M . -26.90 5.43 21.24
C11 A1L13 M . -25.67 6.04 21.30
C12 A1L13 M . -25.13 6.38 22.52
C13 A1L13 M . -25.84 6.13 23.67
C14 A1L13 M . -27.09 5.51 23.63
C15 A1L13 M . -27.63 5.17 22.39
N16 A1L13 M . -25.15 6.51 24.89
C17 A1L13 M . -24.09 7.47 24.71
C18 A1L13 M . -25.48 5.99 26.21
C19 A1L13 M . -29.86 3.62 14.47
C01 A1L13 N . -21.66 -11.68 3.04
C02 A1L13 N . -21.32 -10.35 3.16
C03 A1L13 N . -20.27 -9.89 3.99
C04 A1L13 N . -19.56 -10.84 4.73
C05 A1L13 N . -19.91 -12.16 4.59
C06 A1L13 N . -20.96 -12.61 3.77
N07 A1L13 N . -19.22 -13.04 5.32
C08 A1L13 N . -18.27 -12.58 6.07
S09 A1L13 N . -18.23 -10.85 5.86
C10 A1L13 N . -17.51 -13.45 6.82
C11 A1L13 N . -16.56 -12.81 7.57
C12 A1L13 N . -15.73 -13.53 8.38
C13 A1L13 N . -15.87 -14.90 8.45
C14 A1L13 N . -16.83 -15.57 7.70
C15 A1L13 N . -17.68 -14.82 6.87
N16 A1L13 N . -14.92 -15.56 9.33
C17 A1L13 N . -14.29 -14.69 10.30
C18 A1L13 N . -14.59 -16.97 9.26
C19 A1L13 N . -22.10 -9.34 2.35
C01 A1L13 O . -19.50 24.38 24.87
C02 A1L13 O . -20.52 23.51 24.50
C03 A1L13 O . -20.66 22.24 25.06
C04 A1L13 O . -19.76 21.85 26.06
C05 A1L13 O . -18.77 22.72 26.42
C06 A1L13 O . -18.63 24.00 25.84
N07 A1L13 O . -17.93 22.32 27.36
C08 A1L13 O . -18.09 21.13 27.86
S09 A1L13 O . -19.48 20.45 27.07
C10 A1L13 O . -17.27 20.69 28.85
C11 A1L13 O . -17.58 19.41 29.27
C12 A1L13 O . -16.82 18.81 30.23
C13 A1L13 O . -15.74 19.47 30.77
C14 A1L13 O . -15.42 20.76 30.36
C15 A1L13 O . -16.18 21.37 29.37
N16 A1L13 O . -15.03 18.75 31.81
C17 A1L13 O . -15.27 17.31 31.81
C18 A1L13 O . -14.16 19.36 32.79
C19 A1L13 O . -21.47 23.96 23.43
C01 A1L13 P . 23.26 3.27 -25.55
C02 A1L13 P . 21.99 3.21 -24.98
C03 A1L13 P . 21.46 2.03 -24.43
C04 A1L13 P . 22.24 0.88 -24.46
C05 A1L13 P . 23.50 0.96 -25.03
C06 A1L13 P . 24.02 2.15 -25.58
N07 A1L13 P . 24.22 -0.16 -25.04
C08 A1L13 P . 23.69 -1.22 -24.53
S09 A1L13 P . 22.11 -0.79 -23.94
C10 A1L13 P . 24.40 -2.39 -24.50
C11 A1L13 P . 23.70 -3.43 -23.93
C12 A1L13 P . 24.28 -4.68 -23.85
C13 A1L13 P . 25.54 -4.88 -24.35
C14 A1L13 P . 26.26 -3.84 -24.94
C15 A1L13 P . 25.67 -2.58 -25.02
N16 A1L13 P . 26.05 -6.23 -24.19
C17 A1L13 P . 25.02 -7.23 -23.94
C18 A1L13 P . 27.45 -6.60 -24.25
C19 A1L13 P . 21.16 4.47 -24.96
C01 A1L13 Q . 26.19 1.81 -22.56
C02 A1L13 Q . 24.92 1.73 -22.00
C03 A1L13 Q . 24.41 0.56 -21.42
C04 A1L13 Q . 25.22 -0.57 -21.41
C05 A1L13 Q . 26.47 -0.48 -21.97
C06 A1L13 Q . 26.98 0.69 -22.55
N07 A1L13 Q . 27.23 -1.59 -21.94
C08 A1L13 Q . 26.71 -2.65 -21.41
S09 A1L13 Q . 25.12 -2.23 -20.85
C10 A1L13 Q . 27.45 -3.80 -21.33
C11 A1L13 Q . 26.76 -4.85 -20.75
C12 A1L13 Q . 27.36 -6.07 -20.62
C13 A1L13 Q . 28.63 -6.26 -21.12
C14 A1L13 Q . 29.33 -5.22 -21.72
C15 A1L13 Q . 28.73 -3.98 -21.84
N16 A1L13 Q . 29.16 -7.59 -20.90
C17 A1L13 Q . 28.17 -8.61 -20.63
C18 A1L13 Q . 30.58 -7.93 -20.94
C19 A1L13 Q . 24.08 2.98 -22.02
C01 A1L13 R . 19.95 4.70 -29.08
C02 A1L13 R . 18.68 4.63 -28.51
C03 A1L13 R . 18.16 3.45 -27.96
C04 A1L13 R . 18.96 2.31 -27.97
C05 A1L13 R . 20.20 2.40 -28.53
C06 A1L13 R . 20.72 3.58 -29.09
N07 A1L13 R . 20.95 1.29 -28.52
C08 A1L13 R . 20.42 0.22 -28.00
S09 A1L13 R . 18.84 0.65 -27.43
C10 A1L13 R . 21.14 -0.94 -27.95
C11 A1L13 R . 20.45 -1.98 -27.37
C12 A1L13 R . 21.04 -3.21 -27.26
C13 A1L13 R . 22.30 -3.41 -27.77
C14 A1L13 R . 23.02 -2.37 -28.36
C15 A1L13 R . 22.43 -1.12 -28.46
N16 A1L13 R . 22.82 -4.75 -27.57
C17 A1L13 R . 21.82 -5.77 -27.32
C18 A1L13 R . 24.23 -5.10 -27.63
C19 A1L13 R . 17.84 5.88 -28.52
C01 A1L13 S . 14.42 17.48 -11.61
C02 A1L13 S . 13.68 16.47 -12.18
C03 A1L13 S . 13.75 15.13 -11.72
C04 A1L13 S . 14.59 14.85 -10.66
C05 A1L13 S . 15.31 15.87 -10.10
C06 A1L13 S . 15.25 17.20 -10.57
N07 A1L13 S . 16.11 15.56 -9.08
C08 A1L13 S . 16.14 14.33 -8.69
S09 A1L13 S . 15.04 13.45 -9.70
C10 A1L13 S . 16.92 13.97 -7.63
C11 A1L13 S . 16.85 12.62 -7.35
C12 A1L13 S . 17.59 12.10 -6.32
C13 A1L13 S . 18.43 12.92 -5.60
C14 A1L13 S . 18.52 14.27 -5.88
C15 A1L13 S . 17.75 14.81 -6.91
N16 A1L13 S . 19.14 12.25 -4.53
C17 A1L13 S . 19.23 10.81 -4.66
C18 A1L13 S . 19.75 12.93 -3.39
C19 A1L13 S . 12.79 16.81 -13.34
C01 A1L13 T . 11.37 -18.04 -34.20
C02 A1L13 T . 11.88 -16.76 -34.42
C03 A1L13 T . 13.06 -16.31 -33.79
C04 A1L13 T . 13.74 -17.18 -32.94
C05 A1L13 T . 13.22 -18.43 -32.75
C06 A1L13 T . 12.03 -18.88 -33.37
N07 A1L13 T . 13.89 -19.24 -31.93
C08 A1L13 T . 14.96 -18.77 -31.37
S09 A1L13 T . 15.18 -17.15 -31.96
C10 A1L13 T . 15.71 -19.57 -30.53
C11 A1L13 T . 16.81 -18.93 -30.03
C12 A1L13 T . 17.63 -19.59 -29.15
C13 A1L13 T . 17.33 -20.88 -28.77
C14 A1L13 T . 16.22 -21.54 -29.27
C15 A1L13 T . 15.38 -20.87 -30.16
N16 A1L13 T . 18.30 -21.47 -27.87
C17 A1L13 T . 19.14 -20.53 -27.16
C18 A1L13 T . 18.43 -22.90 -27.65
C19 A1L13 T . 11.13 -15.85 -35.34
#